data_5CXR
#
_entry.id   5CXR
#
_cell.length_a   87.905
_cell.length_b   102.451
_cell.length_c   66.062
_cell.angle_alpha   90.00
_cell.angle_beta   90.00
_cell.angle_gamma   90.00
#
_symmetry.space_group_name_H-M   'C 2 2 21'
#
loop_
_entity.id
_entity.type
_entity.pdbx_description
1 polymer endonuclease
2 non-polymer 'MANGANESE (II) ION'
3 non-polymer 1,2-ETHANEDIOL
4 non-polymer 4-bromo-1H-pyrazole
5 non-polymer 'SULFATE ION'
6 water water
#
_entity_poly.entity_id   1
_entity_poly.type   'polypeptide(L)'
_entity_poly.pdbx_seq_one_letter_code
;GPLGSMEDFVRQCFNPMIVELAEKAMKEYGEDPKIETNKFAAICTHLEVCFMYSDFHFIDERGESIIVESGDPNALLKHR
FEIIEGRDRIMAWTVVNSICNTTGVEKPKFLPDLYDYKENRFIEIGVTRREVHIYYLEKANKIKSEKTHIHIFSFTGEEM
ATKADYTLDEESRARIKTRLFTIRQEMASRSLWDSFRQSERGEETVEER
;
_entity_poly.pdbx_strand_id   A
#
# COMPACT_ATOMS: atom_id res chain seq x y z
N GLY A 1 10.61 29.23 2.58
CA GLY A 1 9.23 29.50 2.09
C GLY A 1 8.19 29.43 3.20
N PRO A 2 6.94 29.79 2.89
CA PRO A 2 5.83 29.70 3.85
C PRO A 2 5.50 28.25 4.19
N LEU A 3 5.03 28.03 5.41
CA LEU A 3 4.66 26.71 5.87
C LEU A 3 3.19 26.42 5.56
N GLY A 4 2.96 25.39 4.75
CA GLY A 4 1.61 24.98 4.44
C GLY A 4 1.05 24.06 5.51
N SER A 5 -0.24 23.76 5.42
CA SER A 5 -0.85 22.80 6.31
C SER A 5 -0.89 21.43 5.67
N MET A 6 -0.72 20.38 6.47
CA MET A 6 -0.77 19.02 5.94
C MET A 6 -2.18 18.72 5.42
N GLU A 7 -3.19 19.27 6.08
CA GLU A 7 -4.58 19.12 5.62
C GLU A 7 -4.71 19.56 4.17
N ASP A 8 -4.21 20.76 3.86
CA ASP A 8 -4.27 21.31 2.51
C ASP A 8 -3.53 20.38 1.55
N PHE A 9 -2.36 19.90 1.96
CA PHE A 9 -1.59 18.99 1.11
C PHE A 9 -2.37 17.73 0.77
N VAL A 10 -2.94 17.11 1.79
CA VAL A 10 -3.66 15.85 1.63
C VAL A 10 -4.86 16.03 0.69
N ARG A 11 -5.63 17.09 0.91
CA ARG A 11 -6.85 17.30 0.14
C ARG A 11 -6.56 17.69 -1.30
N GLN A 12 -5.40 18.32 -1.52
CA GLN A 12 -5.06 18.81 -2.84
C GLN A 12 -4.31 17.79 -3.67
N CYS A 13 -3.62 16.87 -3.02
CA CYS A 13 -2.70 15.98 -3.72
C CYS A 13 -3.10 14.51 -3.70
N PHE A 14 -4.12 14.16 -2.91
CA PHE A 14 -4.67 12.80 -2.95
C PHE A 14 -6.10 12.82 -3.48
N ASN A 15 -6.48 11.73 -4.14
CA ASN A 15 -7.83 11.57 -4.66
C ASN A 15 -8.81 11.60 -3.49
N PRO A 16 -9.98 12.23 -3.68
CA PRO A 16 -10.94 12.30 -2.57
C PRO A 16 -11.33 10.94 -2.01
N MET A 17 -11.38 9.91 -2.86
CA MET A 17 -11.69 8.54 -2.45
C MET A 17 -10.67 8.04 -1.46
N ILE A 18 -9.39 8.30 -1.75
CA ILE A 18 -8.31 7.90 -0.87
C ILE A 18 -8.43 8.63 0.48
N VAL A 19 -8.69 9.93 0.42
CA VAL A 19 -8.78 10.75 1.64
C VAL A 19 -9.91 10.26 2.52
N GLU A 20 -11.05 9.99 1.91
CA GLU A 20 -12.22 9.54 2.66
C GLU A 20 -11.93 8.20 3.33
N LEU A 21 -11.29 7.29 2.62
CA LEU A 21 -10.93 5.99 3.18
C LEU A 21 -9.95 6.15 4.35
N ALA A 22 -8.96 7.04 4.20
CA ALA A 22 -8.00 7.31 5.27
C ALA A 22 -8.71 7.87 6.50
N GLU A 23 -9.65 8.79 6.27
CA GLU A 23 -10.43 9.35 7.37
C GLU A 23 -11.23 8.26 8.08
N LYS A 24 -11.91 7.43 7.30
CA LYS A 24 -12.69 6.35 7.86
C LYS A 24 -11.78 5.39 8.61
N ALA A 25 -10.58 5.17 8.08
CA ALA A 25 -9.63 4.27 8.69
C ALA A 25 -9.19 4.79 10.05
N MET A 26 -8.81 6.07 10.11
CA MET A 26 -8.37 6.65 11.38
C MET A 26 -9.49 6.67 12.41
N LYS A 27 -10.71 6.91 11.96
CA LYS A 27 -11.86 6.93 12.87
C LYS A 27 -12.05 5.56 13.50
N GLU A 28 -11.94 4.51 12.69
CA GLU A 28 -12.15 3.15 13.16
C GLU A 28 -11.18 2.83 14.30
N TYR A 29 -9.99 3.40 14.25
CA TYR A 29 -8.95 3.10 15.23
C TYR A 29 -8.78 4.22 16.27
N GLY A 30 -9.73 5.16 16.29
CA GLY A 30 -9.76 6.18 17.31
C GLY A 30 -8.72 7.28 17.18
N GLU A 31 -8.22 7.48 15.97
CA GLU A 31 -7.23 8.51 15.70
C GLU A 31 -7.90 9.68 15.00
N ASP A 32 -7.43 10.88 15.31
CA ASP A 32 -8.05 12.10 14.78
C ASP A 32 -7.24 12.68 13.62
N PRO A 33 -7.81 12.71 12.40
CA PRO A 33 -7.05 13.21 11.26
C PRO A 33 -6.59 14.67 11.41
N LYS A 34 -7.30 15.45 12.21
CA LYS A 34 -6.99 16.87 12.35
C LYS A 34 -5.87 17.13 13.36
N ILE A 35 -5.48 16.09 14.09
CA ILE A 35 -4.40 16.22 15.08
C ILE A 35 -3.19 15.37 14.65
N GLU A 36 -3.43 14.10 14.34
CA GLU A 36 -2.37 13.23 13.86
C GLU A 36 -2.27 13.35 12.34
N THR A 37 -1.84 14.53 11.91
CA THR A 37 -1.87 14.92 10.50
C THR A 37 -0.80 14.23 9.68
N ASN A 38 0.37 14.00 10.28
CA ASN A 38 1.42 13.27 9.59
C ASN A 38 1.00 11.82 9.36
N LYS A 39 0.37 11.23 10.38
CA LYS A 39 -0.16 9.87 10.23
C LYS A 39 -1.22 9.85 9.14
N PHE A 40 -2.07 10.87 9.13
CA PHE A 40 -3.10 11.03 8.12
C PHE A 40 -2.49 10.93 6.71
N ALA A 41 -1.43 11.68 6.48
CA ALA A 41 -0.77 11.68 5.17
C ALA A 41 -0.10 10.33 4.88
N ALA A 42 0.45 9.70 5.91
CA ALA A 42 1.10 8.40 5.75
C ALA A 42 0.08 7.33 5.38
N ILE A 43 -1.12 7.42 5.97
CA ILE A 43 -2.18 6.47 5.68
C ILE A 43 -2.62 6.64 4.23
N CYS A 44 -2.78 7.89 3.80
CA CYS A 44 -3.14 8.15 2.42
C CYS A 44 -2.11 7.59 1.45
N THR A 45 -0.84 7.82 1.76
CA THR A 45 0.27 7.38 0.93
C THR A 45 0.25 5.86 0.82
N HIS A 46 0.18 5.18 1.96
CA HIS A 46 0.18 3.72 2.01
C HIS A 46 -0.98 3.16 1.21
N LEU A 47 -2.15 3.75 1.40
CA LEU A 47 -3.35 3.32 0.70
C LEU A 47 -3.16 3.44 -0.81
N GLU A 48 -2.57 4.54 -1.25
CA GLU A 48 -2.34 4.78 -2.67
C GLU A 48 -1.32 3.79 -3.24
N VAL A 49 -0.30 3.46 -2.46
CA VAL A 49 0.69 2.50 -2.90
C VAL A 49 0.01 1.14 -3.10
N CYS A 50 -0.84 0.75 -2.16
CA CYS A 50 -1.57 -0.51 -2.29
C CYS A 50 -2.39 -0.56 -3.58
N PHE A 51 -3.09 0.53 -3.90
CA PHE A 51 -3.90 0.58 -5.12
C PHE A 51 -3.01 0.57 -6.36
N MET A 52 -1.92 1.32 -6.33
CA MET A 52 -1.01 1.36 -7.47
C MET A 52 -0.32 0.03 -7.71
N TYR A 53 -0.07 -0.70 -6.63
CA TYR A 53 0.54 -2.02 -6.69
C TYR A 53 -0.36 -2.98 -7.48
N SER A 54 -1.67 -2.78 -7.33
CA SER A 54 -2.68 -3.66 -7.90
C SER A 54 -3.12 -3.22 -9.29
N ASP A 55 -2.99 -1.93 -9.56
CA ASP A 55 -3.42 -1.34 -10.83
C ASP A 55 -2.88 -2.08 -12.05
N PHE A 56 -3.75 -2.30 -13.02
CA PHE A 56 -3.34 -2.75 -14.36
C PHE A 56 -3.00 -4.23 -14.45
N HIS A 57 -2.95 -4.93 -13.31
CA HIS A 57 -2.52 -6.33 -13.32
C HIS A 57 -3.70 -7.27 -13.38
N PHE A 58 -3.67 -8.18 -14.35
CA PHE A 58 -4.76 -9.13 -14.56
C PHE A 58 -4.20 -10.51 -14.78
N ILE A 59 -5.05 -11.51 -14.60
CA ILE A 59 -4.77 -12.88 -14.99
C ILE A 59 -5.59 -13.13 -16.26
N ASP A 60 -4.94 -13.56 -17.34
CA ASP A 60 -5.60 -13.65 -18.62
C ASP A 60 -6.39 -14.95 -18.76
N GLU A 61 -6.88 -15.21 -19.98
CA GLU A 61 -7.75 -16.35 -20.25
C GLU A 61 -6.99 -17.67 -20.17
N ARG A 62 -5.66 -17.59 -20.20
CA ARG A 62 -4.81 -18.78 -20.11
C ARG A 62 -4.32 -19.01 -18.68
N GLY A 63 -4.54 -18.04 -17.81
CA GLY A 63 -4.08 -18.13 -16.44
C GLY A 63 -2.72 -17.50 -16.22
N GLU A 64 -2.27 -16.73 -17.21
CA GLU A 64 -0.99 -16.03 -17.12
C GLU A 64 -1.22 -14.57 -16.73
N SER A 65 -0.27 -13.98 -16.00
CA SER A 65 -0.38 -12.60 -15.58
C SER A 65 -0.02 -11.66 -16.72
N ILE A 66 -0.78 -10.59 -16.87
CA ILE A 66 -0.53 -9.59 -17.91
C ILE A 66 -0.85 -8.20 -17.37
N ILE A 67 -0.38 -7.18 -18.10
CA ILE A 67 -0.61 -5.79 -17.72
C ILE A 67 -1.43 -5.11 -18.80
N VAL A 68 -2.51 -4.45 -18.39
CA VAL A 68 -3.37 -3.73 -19.33
C VAL A 68 -3.60 -2.32 -18.82
N GLU A 69 -2.87 -1.36 -19.38
CA GLU A 69 -2.93 0.01 -18.89
C GLU A 69 -3.96 0.85 -19.64
N SER A 70 -4.60 0.26 -20.65
CA SER A 70 -5.67 0.94 -21.35
C SER A 70 -6.89 1.05 -20.43
N GLY A 71 -7.98 1.57 -20.96
CA GLY A 71 -9.17 1.80 -20.15
C GLY A 71 -10.14 0.64 -20.12
N ASP A 72 -10.13 -0.18 -21.17
CA ASP A 72 -11.08 -1.29 -21.29
C ASP A 72 -10.37 -2.64 -21.26
N PRO A 73 -10.33 -3.29 -20.08
CA PRO A 73 -9.81 -4.65 -20.03
C PRO A 73 -10.90 -5.65 -20.41
N ASN A 74 -10.67 -6.44 -21.45
CA ASN A 74 -11.71 -7.33 -21.98
C ASN A 74 -12.33 -8.12 -20.82
N ALA A 75 -13.61 -8.46 -20.98
CA ALA A 75 -14.45 -8.94 -19.88
C ALA A 75 -13.94 -10.22 -19.22
N LEU A 76 -13.19 -11.03 -19.96
CA LEU A 76 -12.76 -12.34 -19.45
C LEU A 76 -11.55 -12.27 -18.53
N LEU A 77 -10.93 -11.09 -18.43
CA LEU A 77 -9.77 -10.91 -17.57
C LEU A 77 -10.20 -10.87 -16.10
N LYS A 78 -9.34 -11.39 -15.25
CA LYS A 78 -9.54 -11.39 -13.81
C LYS A 78 -8.47 -10.54 -13.12
N HIS A 79 -8.88 -9.72 -12.16
CA HIS A 79 -7.92 -8.95 -11.39
C HIS A 79 -6.91 -9.87 -10.74
N ARG A 80 -5.63 -9.53 -10.83
CA ARG A 80 -4.59 -10.38 -10.26
C ARG A 80 -4.58 -10.28 -8.75
N PHE A 81 -4.91 -9.10 -8.22
CA PHE A 81 -4.84 -8.86 -6.79
C PHE A 81 -6.19 -8.63 -6.15
N GLU A 82 -6.37 -9.20 -4.97
CA GLU A 82 -7.46 -8.80 -4.09
C GLU A 82 -6.92 -7.71 -3.17
N ILE A 83 -7.68 -6.64 -2.99
CA ILE A 83 -7.26 -5.54 -2.13
C ILE A 83 -7.97 -5.67 -0.78
N ILE A 84 -7.18 -5.81 0.27
CA ILE A 84 -7.70 -6.01 1.61
C ILE A 84 -7.64 -4.68 2.37
N GLU A 85 -6.57 -3.93 2.18
CA GLU A 85 -6.44 -2.60 2.77
C GLU A 85 -7.54 -1.69 2.25
N GLY A 86 -7.95 -0.71 3.07
CA GLY A 86 -8.98 0.22 2.65
C GLY A 86 -10.40 -0.24 2.92
N ARG A 87 -10.53 -1.42 3.53
CA ARG A 87 -11.83 -1.97 3.92
C ARG A 87 -12.01 -1.89 5.42
N ASP A 88 -13.24 -1.73 5.89
CA ASP A 88 -13.46 -1.71 7.32
C ASP A 88 -13.18 -3.10 7.85
N ARG A 89 -12.98 -3.18 9.16
CA ARG A 89 -12.56 -4.38 9.86
C ARG A 89 -13.33 -5.64 9.45
N ILE A 90 -14.66 -5.55 9.48
CA ILE A 90 -15.53 -6.70 9.21
C ILE A 90 -15.35 -7.16 7.77
N MET A 91 -15.38 -6.22 6.83
CA MET A 91 -15.30 -6.57 5.41
C MET A 91 -13.93 -7.16 5.07
N ALA A 92 -12.88 -6.57 5.61
CA ALA A 92 -11.52 -7.02 5.35
C ALA A 92 -11.36 -8.48 5.78
N TRP A 93 -11.80 -8.81 6.98
CA TRP A 93 -11.67 -10.19 7.45
C TRP A 93 -12.60 -11.11 6.68
N THR A 94 -13.75 -10.60 6.26
CA THR A 94 -14.65 -11.38 5.42
C THR A 94 -13.95 -11.78 4.13
N VAL A 95 -13.28 -10.81 3.49
CA VAL A 95 -12.53 -11.06 2.26
C VAL A 95 -11.41 -12.07 2.53
N VAL A 96 -10.61 -11.83 3.55
CA VAL A 96 -9.54 -12.75 3.90
C VAL A 96 -10.12 -14.17 4.03
N ASN A 97 -11.24 -14.31 4.73
CA ASN A 97 -11.92 -15.61 4.88
C ASN A 97 -12.37 -16.18 3.54
N SER A 98 -12.90 -15.33 2.67
CA SER A 98 -13.37 -15.77 1.36
C SER A 98 -12.20 -16.27 0.51
N ILE A 99 -11.01 -15.71 0.75
CA ILE A 99 -9.80 -16.12 0.04
C ILE A 99 -9.28 -17.45 0.58
N CYS A 100 -9.17 -17.53 1.91
CA CYS A 100 -8.50 -18.66 2.54
C CYS A 100 -9.21 -19.99 2.27
N ASN A 101 -10.44 -20.12 2.75
CA ASN A 101 -11.19 -21.38 2.61
C ASN A 101 -11.34 -21.74 1.14
N THR A 102 -11.21 -20.75 0.27
CA THR A 102 -11.22 -20.97 -1.17
C THR A 102 -9.90 -21.55 -1.64
N THR A 103 -8.89 -20.69 -1.72
CA THR A 103 -7.59 -21.05 -2.27
C THR A 103 -6.87 -22.08 -1.40
N GLY A 104 -7.35 -22.28 -0.18
CA GLY A 104 -6.72 -23.21 0.74
C GLY A 104 -5.57 -22.60 1.50
N VAL A 105 -5.19 -21.38 1.12
CA VAL A 105 -4.13 -20.65 1.81
C VAL A 105 -4.57 -20.41 3.25
N GLU A 106 -3.65 -20.55 4.19
CA GLU A 106 -4.01 -20.45 5.60
C GLU A 106 -4.31 -19.00 6.00
N LYS A 107 -5.00 -18.85 7.12
CA LYS A 107 -5.47 -17.56 7.58
C LYS A 107 -4.39 -16.78 8.33
N PRO A 108 -4.14 -15.52 7.93
CA PRO A 108 -3.14 -14.76 8.68
C PRO A 108 -3.65 -14.25 10.02
N LYS A 109 -2.75 -13.77 10.87
CA LYS A 109 -3.12 -13.29 12.20
C LYS A 109 -3.40 -11.79 12.21
N PHE A 110 -2.73 -11.06 11.31
CA PHE A 110 -3.01 -9.65 11.09
C PHE A 110 -3.55 -9.48 9.68
N LEU A 111 -4.41 -8.49 9.48
CA LEU A 111 -4.89 -8.17 8.15
C LEU A 111 -3.71 -7.79 7.26
N PRO A 112 -3.49 -8.53 6.17
CA PRO A 112 -2.50 -8.08 5.18
C PRO A 112 -3.10 -7.01 4.27
N ASP A 113 -2.36 -6.59 3.25
CA ASP A 113 -2.81 -5.51 2.37
C ASP A 113 -3.45 -6.00 1.07
N LEU A 114 -2.87 -7.05 0.50
CA LEU A 114 -3.32 -7.61 -0.75
C LEU A 114 -3.26 -9.12 -0.73
N TYR A 115 -3.96 -9.73 -1.68
CA TYR A 115 -3.73 -11.14 -2.00
C TYR A 115 -3.37 -11.25 -3.47
N ASP A 116 -2.31 -12.00 -3.77
CA ASP A 116 -1.81 -12.20 -5.12
C ASP A 116 -2.29 -13.55 -5.63
N TYR A 117 -3.20 -13.53 -6.59
CA TYR A 117 -3.77 -14.78 -7.12
C TYR A 117 -2.76 -15.52 -8.00
N LYS A 118 -1.77 -14.80 -8.51
CA LYS A 118 -0.75 -15.45 -9.34
C LYS A 118 0.22 -16.23 -8.45
N GLU A 119 0.79 -15.54 -7.46
CA GLU A 119 1.79 -16.14 -6.58
C GLU A 119 1.14 -16.90 -5.43
N ASN A 120 -0.17 -16.78 -5.30
CA ASN A 120 -0.92 -17.51 -4.28
C ASN A 120 -0.45 -17.17 -2.87
N ARG A 121 -0.36 -15.88 -2.57
CA ARG A 121 0.08 -15.45 -1.25
C ARG A 121 -0.46 -14.09 -0.88
N PHE A 122 -0.58 -13.84 0.42
CA PHE A 122 -0.92 -12.52 0.90
C PHE A 122 0.33 -11.64 0.86
N ILE A 123 0.12 -10.34 0.70
CA ILE A 123 1.20 -9.37 0.69
C ILE A 123 0.97 -8.31 1.76
N GLU A 124 2.02 -8.01 2.51
CA GLU A 124 2.05 -6.84 3.39
C GLU A 124 2.91 -5.77 2.72
N ILE A 125 2.30 -4.62 2.43
CA ILE A 125 2.99 -3.48 1.84
C ILE A 125 3.46 -2.53 2.92
N GLY A 126 4.70 -2.07 2.81
CA GLY A 126 5.24 -1.09 3.73
C GLY A 126 5.75 0.14 3.01
N VAL A 127 5.48 1.31 3.59
CA VAL A 127 6.06 2.55 3.08
C VAL A 127 6.76 3.23 4.25
N THR A 128 8.06 3.44 4.11
CA THR A 128 8.83 3.95 5.22
C THR A 128 9.63 5.18 4.82
N ARG A 129 9.76 6.08 5.79
CA ARG A 129 10.62 7.25 5.68
C ARG A 129 12.00 6.93 6.27
N ARG A 130 12.18 5.68 6.70
CA ARG A 130 13.43 5.23 7.32
C ARG A 130 14.17 4.26 6.41
N GLU A 131 15.17 3.56 6.95
CA GLU A 131 15.93 2.56 6.19
C GLU A 131 15.08 1.32 5.94
N VAL A 132 15.08 0.83 4.70
CA VAL A 132 14.19 -0.27 4.32
C VAL A 132 14.44 -1.51 5.15
N HIS A 133 15.69 -1.81 5.45
CA HIS A 133 16.03 -3.06 6.11
C HIS A 133 15.52 -3.08 7.55
N ILE A 134 15.63 -1.95 8.24
CA ILE A 134 15.11 -1.85 9.60
C ILE A 134 13.61 -2.06 9.57
N TYR A 135 12.94 -1.33 8.69
CA TYR A 135 11.49 -1.41 8.62
C TYR A 135 11.05 -2.81 8.23
N TYR A 136 11.75 -3.43 7.29
CA TYR A 136 11.43 -4.79 6.87
C TYR A 136 11.45 -5.73 8.08
N LEU A 137 12.53 -5.66 8.86
CA LEU A 137 12.69 -6.55 10.00
C LEU A 137 11.58 -6.34 11.03
N GLU A 138 11.20 -5.08 11.25
CA GLU A 138 10.13 -4.77 12.17
C GLU A 138 8.83 -5.42 11.71
N LYS A 139 8.52 -5.26 10.43
CA LYS A 139 7.34 -5.87 9.83
C LYS A 139 7.36 -7.39 10.02
N ALA A 140 8.46 -8.01 9.60
CA ALA A 140 8.60 -9.46 9.68
C ALA A 140 8.38 -9.95 11.12
N ASN A 141 9.00 -9.25 12.06
CA ASN A 141 8.92 -9.64 13.46
C ASN A 141 7.51 -9.49 14.02
N LYS A 142 6.76 -8.53 13.49
CA LYS A 142 5.40 -8.28 13.96
C LYS A 142 4.45 -9.40 13.56
N ILE A 143 4.49 -9.79 12.29
CA ILE A 143 3.53 -10.74 11.76
C ILE A 143 4.06 -12.17 11.89
N LYS A 144 5.31 -12.38 11.49
CA LYS A 144 5.90 -13.72 11.46
C LYS A 144 4.91 -14.74 10.89
N SER A 145 4.18 -14.32 9.86
CA SER A 145 3.22 -15.19 9.21
C SER A 145 3.92 -16.22 8.34
N GLU A 146 5.15 -15.90 7.94
CA GLU A 146 6.00 -16.82 7.18
C GLU A 146 5.49 -16.98 5.75
N LYS A 147 4.18 -17.07 5.58
CA LYS A 147 3.60 -17.20 4.26
C LYS A 147 3.28 -15.83 3.68
N THR A 148 3.07 -14.85 4.55
CA THR A 148 2.78 -13.50 4.09
C THR A 148 4.04 -12.85 3.52
N HIS A 149 3.97 -12.46 2.27
CA HIS A 149 5.07 -11.82 1.58
C HIS A 149 5.13 -10.34 1.96
N ILE A 150 6.32 -9.84 2.28
CA ILE A 150 6.49 -8.43 2.65
C ILE A 150 7.18 -7.67 1.53
N HIS A 151 6.65 -6.50 1.19
CA HIS A 151 7.29 -5.63 0.21
C HIS A 151 7.33 -4.20 0.72
N ILE A 152 8.54 -3.70 0.93
CA ILE A 152 8.75 -2.37 1.51
C ILE A 152 9.24 -1.38 0.46
N PHE A 153 8.63 -0.19 0.46
CA PHE A 153 9.12 0.94 -0.33
C PHE A 153 9.59 2.04 0.61
N SER A 154 10.72 2.66 0.32
CA SER A 154 11.12 3.84 1.06
C SER A 154 11.02 5.05 0.16
N PHE A 155 11.04 6.22 0.78
CA PHE A 155 10.95 7.48 0.09
C PHE A 155 12.28 7.87 -0.57
N THR A 156 13.32 7.07 -0.37
CA THR A 156 14.60 7.31 -1.05
C THR A 156 14.72 6.39 -2.27
N GLY A 157 13.69 5.59 -2.52
CA GLY A 157 13.65 4.78 -3.73
C GLY A 157 14.14 3.36 -3.54
N GLU A 158 14.56 3.01 -2.33
CA GLU A 158 15.01 1.65 -2.09
C GLU A 158 13.79 0.78 -1.79
N GLU A 159 13.91 -0.50 -2.13
CA GLU A 159 12.89 -1.51 -1.83
C GLU A 159 13.52 -2.69 -1.10
N MET A 160 12.73 -3.39 -0.33
CA MET A 160 13.14 -4.66 0.26
CA MET A 160 13.13 -4.66 0.24
C MET A 160 11.93 -5.59 0.27
N ALA A 161 12.13 -6.81 -0.23
CA ALA A 161 11.03 -7.77 -0.29
C ALA A 161 11.51 -9.15 0.13
N THR A 162 10.59 -9.88 0.74
CA THR A 162 10.84 -11.24 1.20
C THR A 162 11.54 -12.07 0.12
N LYS A 163 12.65 -12.71 0.51
CA LYS A 163 13.39 -13.62 -0.35
C LYS A 163 13.86 -12.95 -1.65
N ALA A 164 14.04 -11.64 -1.60
CA ALA A 164 14.48 -10.87 -2.77
C ALA A 164 13.56 -11.10 -3.97
N ASP A 165 12.31 -11.39 -3.67
CA ASP A 165 11.26 -11.62 -4.65
C ASP A 165 10.33 -10.40 -4.67
N TYR A 166 10.39 -9.62 -5.75
CA TYR A 166 9.74 -8.30 -5.75
C TYR A 166 8.40 -8.31 -6.48
N THR A 167 7.95 -9.50 -6.87
CA THR A 167 6.60 -9.72 -7.37
C THR A 167 6.31 -9.01 -8.70
N LEU A 168 6.49 -7.70 -8.75
CA LEU A 168 6.13 -6.93 -9.94
C LEU A 168 7.35 -6.60 -10.79
N ASP A 169 7.09 -6.29 -12.06
CA ASP A 169 8.08 -5.79 -13.00
C ASP A 169 8.64 -4.45 -12.54
N GLU A 170 9.74 -4.03 -13.15
CA GLU A 170 10.41 -2.78 -12.79
C GLU A 170 9.55 -1.56 -13.06
N GLU A 171 8.81 -1.57 -14.16
CA GLU A 171 8.01 -0.40 -14.54
C GLU A 171 6.90 -0.14 -13.50
N SER A 172 6.22 -1.20 -13.07
CA SER A 172 5.14 -1.06 -12.08
C SER A 172 5.70 -0.43 -10.80
N ARG A 173 6.82 -0.96 -10.34
CA ARG A 173 7.39 -0.48 -9.10
C ARG A 173 7.97 0.91 -9.31
N ALA A 174 8.37 1.22 -10.56
CA ALA A 174 8.85 2.57 -10.88
C ALA A 174 7.73 3.61 -10.76
N ARG A 175 6.53 3.24 -11.17
CA ARG A 175 5.38 4.14 -11.06
C ARG A 175 5.17 4.52 -9.60
N ILE A 176 5.27 3.52 -8.72
CA ILE A 176 5.09 3.74 -7.29
C ILE A 176 6.16 4.67 -6.78
N LYS A 177 7.42 4.38 -7.13
CA LYS A 177 8.53 5.18 -6.64
C LYS A 177 8.47 6.61 -7.18
N THR A 178 7.96 6.77 -8.40
CA THR A 178 7.78 8.11 -8.95
C THR A 178 6.76 8.90 -8.12
N ARG A 179 5.69 8.22 -7.73
CA ARG A 179 4.64 8.86 -6.96
C ARG A 179 5.16 9.27 -5.58
N LEU A 180 5.91 8.39 -4.93
CA LEU A 180 6.50 8.70 -3.63
C LEU A 180 7.47 9.87 -3.73
N PHE A 181 8.24 9.90 -4.79
CA PHE A 181 9.15 11.01 -5.04
C PHE A 181 8.36 12.31 -5.15
N THR A 182 7.25 12.27 -5.88
CA THR A 182 6.41 13.44 -6.08
C THR A 182 5.82 13.93 -4.75
N ILE A 183 5.36 12.99 -3.93
CA ILE A 183 4.81 13.32 -2.62
C ILE A 183 5.84 14.02 -1.77
N ARG A 184 7.04 13.43 -1.71
CA ARG A 184 8.13 13.98 -0.93
C ARG A 184 8.53 15.38 -1.38
N GLN A 185 8.65 15.57 -2.68
CA GLN A 185 9.04 16.87 -3.23
C GLN A 185 7.99 17.93 -2.94
N GLU A 186 6.73 17.58 -3.09
CA GLU A 186 5.66 18.53 -2.88
C GLU A 186 5.60 18.90 -1.40
N MET A 187 5.71 17.91 -0.51
CA MET A 187 5.77 18.18 0.92
C MET A 187 6.92 19.14 1.22
N ALA A 188 8.07 18.86 0.61
CA ALA A 188 9.26 19.68 0.84
C ALA A 188 9.01 21.13 0.42
N SER A 189 8.32 21.32 -0.70
CA SER A 189 8.06 22.68 -1.19
C SER A 189 7.13 23.42 -0.23
N ARG A 190 6.33 22.68 0.52
CA ARG A 190 5.40 23.27 1.50
C ARG A 190 5.98 23.27 2.92
N SER A 191 7.24 22.86 3.03
CA SER A 191 7.97 22.80 4.31
C SER A 191 7.29 21.84 5.29
N LEU A 192 6.74 20.75 4.75
CA LEU A 192 6.07 19.73 5.55
C LEU A 192 6.90 18.46 5.68
N TRP A 193 7.92 18.32 4.84
CA TRP A 193 8.63 17.04 4.71
C TRP A 193 9.45 16.69 5.94
N ASP A 194 10.26 17.62 6.44
CA ASP A 194 11.15 17.33 7.55
C ASP A 194 10.40 16.73 8.73
N SER A 195 9.30 17.35 9.12
CA SER A 195 8.47 16.87 10.23
C SER A 195 7.84 15.51 9.90
N PHE A 196 7.34 15.38 8.68
CA PHE A 196 6.70 14.15 8.27
C PHE A 196 7.67 12.99 8.38
N ARG A 197 8.88 13.17 7.86
CA ARG A 197 9.92 12.14 7.91
C ARG A 197 10.23 11.78 9.35
N GLN A 198 10.42 12.79 10.19
CA GLN A 198 10.83 12.56 11.57
C GLN A 198 9.71 11.99 12.44
N SER A 199 8.49 12.04 11.91
CA SER A 199 7.30 11.61 12.65
C SER A 199 7.15 10.09 12.72
N GLU A 200 7.71 9.38 11.76
CA GLU A 200 7.44 7.94 11.63
C GLU A 200 7.72 7.18 12.92
N ARG A 201 8.81 7.52 13.58
CA ARG A 201 9.17 6.94 14.88
C ARG A 201 9.22 5.41 14.78
#